data_9R84
#
_entry.id   9R84
#
_cell.length_a   106.532
_cell.length_b   63.914
_cell.length_c   48.565
_cell.angle_alpha   90.00
_cell.angle_beta   99.46
_cell.angle_gamma   90.00
#
_symmetry.space_group_name_H-M   'C 1 2 1'
#
loop_
_entity.id
_entity.type
_entity.pdbx_description
1 polymer 'All4940 protein'
2 polymer 'All4940 protein'
3 non-polymer D-MALATE
4 non-polymer 'CITRATE ANION'
5 water water
#
loop_
_entity_poly.entity_id
_entity_poly.type
_entity_poly.pdbx_seq_one_letter_code
_entity_poly.pdbx_strand_id
1 'polypeptide(L)'
;AAESLPNIQIKSIAGITEPTILQYFATLNAGEFAATAALFAVDGVMYPPFESGIVGPDAIAAYLQQEAQGIKAEPQQGLA
ETSEDGHTQVQVSGKAQTSWFGVNVLWLFTLNQEKQIIHTQIKLLASPQ
;
A
2 'polypeptide(L)'
;AAESLPNIQIKSIAGITEPTILQYFATLNAGEFAATAALFAVDGVMYPPFESGIVGPDAIAAYLQQEAQGIKAEPQQGLA
ETSEDGHTQVQVSGKAQTSWFGVNVLWLFTLNQEKQIIHTQIKLLASPQE
;
B
#
loop_
_chem_comp.id
_chem_comp.type
_chem_comp.name
_chem_comp.formula
FLC non-polymer 'CITRATE ANION' 'C6 H5 O7 -3'
MLT non-polymer D-MALATE 'C4 H6 O5'
#
# COMPACT_ATOMS: atom_id res chain seq x y z
N ALA A 1 32.61 22.55 14.53
CA ALA A 1 31.23 22.92 14.28
C ALA A 1 30.51 21.83 13.48
N ALA A 2 30.84 21.72 12.18
CA ALA A 2 30.33 20.60 11.39
C ALA A 2 30.91 19.27 11.85
N GLU A 3 32.03 19.31 12.57
CA GLU A 3 32.62 18.07 13.13
C GLU A 3 31.85 17.70 14.42
N SER A 4 30.67 17.09 14.28
CA SER A 4 29.84 16.74 15.46
C SER A 4 28.80 15.67 15.07
N LEU A 5 27.93 15.27 15.99
CA LEU A 5 26.88 14.31 15.66
C LEU A 5 26.08 14.81 14.46
N PRO A 6 25.76 13.96 13.46
CA PRO A 6 25.12 14.47 12.25
C PRO A 6 23.62 14.65 12.46
N ASN A 7 22.86 14.74 11.37
CA ASN A 7 21.38 14.79 11.49
C ASN A 7 20.86 13.50 10.86
N ILE A 8 19.56 13.25 10.90
CA ILE A 8 19.03 12.06 10.18
C ILE A 8 19.80 10.82 10.65
N GLN A 9 19.89 10.61 11.97
CA GLN A 9 20.55 9.37 12.49
C GLN A 9 19.79 8.18 11.90
N ILE A 10 20.40 7.44 10.97
CA ILE A 10 19.63 6.41 10.29
C ILE A 10 19.61 5.18 11.20
N LYS A 11 18.45 4.88 11.76
CA LYS A 11 18.26 3.69 12.57
C LYS A 11 17.23 2.80 11.90
N SER A 12 17.56 1.52 11.76
CA SER A 12 16.61 0.55 11.15
C SER A 12 15.33 0.51 11.97
N ILE A 13 14.20 0.75 11.30
CA ILE A 13 12.87 0.72 11.99
C ILE A 13 11.84 0.23 10.98
N ALA A 14 10.63 -0.06 11.44
CA ALA A 14 9.54 -0.42 10.51
C ALA A 14 9.92 -1.67 9.70
N GLY A 15 10.74 -2.54 10.28
CA GLY A 15 11.15 -3.78 9.59
C GLY A 15 11.58 -3.56 8.15
N ILE A 16 12.43 -2.56 7.88
CA ILE A 16 12.97 -2.36 6.50
C ILE A 16 14.41 -1.85 6.64
N THR A 17 15.37 -2.42 5.91
CA THR A 17 16.70 -1.90 6.08
C THR A 17 17.19 -1.12 4.88
N GLU A 18 16.38 -1.02 3.82
CA GLU A 18 16.72 -0.22 2.64
C GLU A 18 17.20 1.16 3.07
N PRO A 19 18.46 1.51 2.79
CA PRO A 19 18.94 2.85 3.19
C PRO A 19 18.09 4.02 2.69
N THR A 20 17.64 3.97 1.43
CA THR A 20 16.86 5.09 0.89
C THR A 20 15.55 5.25 1.64
N ILE A 21 14.93 4.13 2.04
CA ILE A 21 13.66 4.23 2.77
C ILE A 21 13.90 4.75 4.19
N LEU A 22 14.93 4.25 4.87
CA LEU A 22 15.25 4.78 6.18
C LEU A 22 15.56 6.27 6.12
N GLN A 23 16.29 6.72 5.08
CA GLN A 23 16.64 8.13 4.97
C GLN A 23 15.42 9.00 4.66
N TYR A 24 14.48 8.48 3.86
CA TYR A 24 13.26 9.22 3.55
C TYR A 24 12.54 9.65 4.82
N PHE A 25 12.31 8.70 5.72
CA PHE A 25 11.53 9.00 6.92
C PHE A 25 12.34 9.84 7.89
N ALA A 26 13.64 9.58 7.97
CA ALA A 26 14.49 10.33 8.89
C ALA A 26 14.63 11.79 8.48
N THR A 27 14.82 12.05 7.17
CA THR A 27 14.94 13.43 6.71
C THR A 27 13.60 14.16 6.81
N LEU A 28 12.52 13.50 6.42
CA LEU A 28 11.18 14.08 6.57
C LEU A 28 10.95 14.52 8.01
N ASN A 29 11.26 13.65 8.96
CA ASN A 29 10.88 13.94 10.34
C ASN A 29 11.75 15.01 10.98
N ALA A 30 12.93 15.24 10.43
CA ALA A 30 13.78 16.34 10.85
C ALA A 30 13.53 17.63 10.07
N GLY A 31 12.56 17.62 9.17
CA GLY A 31 12.28 18.79 8.37
C GLY A 31 13.32 19.09 7.33
N GLU A 32 14.22 18.15 7.05
CA GLU A 32 15.30 18.34 6.08
C GLU A 32 14.80 17.97 4.68
N PHE A 33 13.86 18.78 4.19
CA PHE A 33 13.09 18.41 3.00
C PHE A 33 13.93 18.46 1.73
N ALA A 34 14.92 19.35 1.65
CA ALA A 34 15.87 19.27 0.54
C ALA A 34 16.52 17.90 0.50
N ALA A 35 16.92 17.37 1.65
CA ALA A 35 17.54 16.05 1.70
C ALA A 35 16.54 14.95 1.33
N THR A 36 15.26 15.13 1.69
CA THR A 36 14.22 14.18 1.27
C THR A 36 14.06 14.19 -0.24
N ALA A 37 13.91 15.39 -0.81
CA ALA A 37 13.80 15.53 -2.26
C ALA A 37 15.01 14.94 -2.98
N ALA A 38 16.20 15.07 -2.39
CA ALA A 38 17.41 14.59 -3.04
C ALA A 38 17.45 13.07 -3.16
N LEU A 39 16.58 12.35 -2.44
CA LEU A 39 16.55 10.90 -2.59
C LEU A 39 15.83 10.47 -3.86
N PHE A 40 15.15 11.39 -4.54
CA PHE A 40 14.42 11.09 -5.76
C PHE A 40 15.33 11.15 -6.98
N ALA A 41 14.98 10.35 -7.99
CA ALA A 41 15.65 10.44 -9.28
C ALA A 41 15.35 11.79 -9.94
N VAL A 42 16.10 12.10 -11.00
CA VAL A 42 15.92 13.40 -11.67
C VAL A 42 14.47 13.60 -12.07
N ASP A 43 13.80 12.52 -12.49
CA ASP A 43 12.40 12.57 -12.87
C ASP A 43 11.51 11.79 -11.90
N GLY A 44 11.92 11.68 -10.64
CA GLY A 44 11.10 10.98 -9.66
C GLY A 44 9.84 11.77 -9.33
N VAL A 45 8.77 11.05 -8.98
CA VAL A 45 7.43 11.62 -8.79
C VAL A 45 7.00 11.35 -7.37
N MET A 46 6.57 12.41 -6.69
CA MET A 46 5.88 12.31 -5.41
C MET A 46 4.40 12.56 -5.64
N TYR A 47 3.55 11.60 -5.24
CA TYR A 47 2.11 11.80 -5.23
C TYR A 47 1.65 12.15 -3.82
N PRO A 48 1.35 13.42 -3.50
CA PRO A 48 0.72 13.71 -2.22
C PRO A 48 -0.70 13.19 -2.24
N PRO A 49 -1.26 12.84 -1.09
CA PRO A 49 -2.68 12.45 -1.08
C PRO A 49 -3.53 13.55 -1.70
N PHE A 50 -4.47 13.13 -2.56
CA PHE A 50 -5.48 13.98 -3.18
C PHE A 50 -4.91 14.98 -4.19
N GLU A 51 -3.67 14.84 -4.63
CA GLU A 51 -3.06 15.86 -5.47
C GLU A 51 -2.36 15.23 -6.68
N SER A 52 -2.06 16.10 -7.65
CA SER A 52 -1.31 15.67 -8.83
C SER A 52 0.13 15.32 -8.46
N GLY A 53 0.72 14.41 -9.24
CA GLY A 53 2.11 14.07 -9.02
C GLY A 53 3.04 15.26 -9.22
N ILE A 54 4.07 15.33 -8.37
CA ILE A 54 5.08 16.38 -8.40
C ILE A 54 6.41 15.75 -8.83
N VAL A 55 7.06 16.36 -9.82
CA VAL A 55 8.16 15.73 -10.55
C VAL A 55 9.47 16.45 -10.22
N GLY A 56 10.47 15.69 -9.79
CA GLY A 56 11.81 16.18 -9.64
C GLY A 56 12.15 16.71 -8.25
N PRO A 57 13.42 16.58 -7.86
CA PRO A 57 13.83 17.04 -6.52
C PRO A 57 13.49 18.50 -6.21
N ASP A 58 13.64 19.42 -7.16
CA ASP A 58 13.38 20.83 -6.85
C ASP A 58 11.90 21.08 -6.52
N ALA A 59 11.00 20.54 -7.34
CA ALA A 59 9.58 20.75 -7.08
C ALA A 59 9.12 19.98 -5.85
N ILE A 60 9.71 18.81 -5.60
CA ILE A 60 9.34 18.03 -4.41
C ILE A 60 9.75 18.77 -3.15
N ALA A 61 11.00 19.27 -3.12
CA ALA A 61 11.47 20.06 -1.99
C ALA A 61 10.54 21.24 -1.71
N ALA A 62 10.19 21.99 -2.75
CA ALA A 62 9.31 23.13 -2.59
C ALA A 62 7.94 22.72 -2.09
N TYR A 63 7.43 21.57 -2.57
CA TYR A 63 6.13 21.12 -2.07
C TYR A 63 6.21 20.81 -0.57
N LEU A 64 7.24 20.07 -0.16
CA LEU A 64 7.34 19.66 1.23
C LEU A 64 7.48 20.86 2.16
N GLN A 65 8.28 21.85 1.76
CA GLN A 65 8.42 23.07 2.55
C GLN A 65 7.09 23.80 2.70
N GLN A 66 6.29 23.81 1.65
CA GLN A 66 5.02 24.54 1.68
C GLN A 66 3.90 23.75 2.34
N GLU A 67 3.92 22.41 2.29
CA GLU A 67 2.72 21.65 2.62
C GLU A 67 2.92 20.56 3.65
N ALA A 68 4.15 20.21 4.01
CA ALA A 68 4.39 19.11 4.95
C ALA A 68 4.88 19.59 6.31
N GLN A 69 4.69 20.88 6.62
CA GLN A 69 5.08 21.37 7.93
C GLN A 69 4.19 20.75 8.99
N GLY A 70 4.79 20.45 10.14
CA GLY A 70 4.03 19.93 11.25
C GLY A 70 3.53 18.51 11.11
N ILE A 71 3.92 17.79 10.06
CA ILE A 71 3.54 16.39 9.88
C ILE A 71 4.76 15.52 10.14
N LYS A 72 4.60 14.55 11.05
CA LYS A 72 5.62 13.56 11.35
C LYS A 72 5.18 12.21 10.82
N ALA A 73 6.15 11.44 10.35
CA ALA A 73 5.89 10.10 9.84
C ALA A 73 6.33 9.12 10.92
N GLU A 74 5.47 8.16 11.24
CA GLU A 74 5.78 7.15 12.23
C GLU A 74 5.58 5.77 11.60
N PRO A 75 6.57 5.30 10.84
CA PRO A 75 6.46 3.96 10.26
C PRO A 75 6.50 2.89 11.34
N GLN A 76 5.70 1.84 11.16
CA GLN A 76 5.65 0.74 12.10
C GLN A 76 6.17 -0.58 11.55
N GLN A 77 6.07 -0.81 10.25
CA GLN A 77 6.60 -2.02 9.61
C GLN A 77 6.70 -1.77 8.11
N GLY A 78 7.50 -2.60 7.45
CA GLY A 78 7.68 -2.44 6.03
C GLY A 78 8.21 -3.70 5.40
N LEU A 79 8.21 -3.71 4.06
CA LEU A 79 8.72 -4.83 3.30
C LEU A 79 9.16 -4.33 1.94
N ALA A 80 10.33 -4.80 1.49
CA ALA A 80 10.88 -4.43 0.20
C ALA A 80 11.13 -5.70 -0.60
N GLU A 81 10.79 -5.66 -1.88
CA GLU A 81 10.93 -6.79 -2.77
C GLU A 81 11.52 -6.30 -4.09
N THR A 82 12.52 -7.02 -4.59
CA THR A 82 13.20 -6.64 -5.84
C THR A 82 12.60 -7.41 -7.00
N SER A 83 12.22 -6.69 -8.05
CA SER A 83 11.55 -7.26 -9.22
C SER A 83 12.56 -7.57 -10.32
N GLU A 84 12.07 -8.25 -11.37
CA GLU A 84 12.97 -8.74 -12.42
C GLU A 84 13.73 -7.60 -13.09
N ASP A 85 13.04 -6.47 -13.31
CA ASP A 85 13.70 -5.33 -13.95
C ASP A 85 14.73 -4.64 -13.06
N GLY A 86 15.09 -5.13 -11.88
CA GLY A 86 16.05 -4.47 -11.03
C GLY A 86 15.48 -3.42 -10.10
N HIS A 87 14.19 -3.16 -10.14
CA HIS A 87 13.61 -2.18 -9.25
C HIS A 87 13.26 -2.83 -7.91
N THR A 88 13.01 -2.00 -6.90
CA THR A 88 12.60 -2.46 -5.59
C THR A 88 11.23 -1.87 -5.30
N GLN A 89 10.28 -2.73 -4.92
CA GLN A 89 8.94 -2.29 -4.53
C GLN A 89 8.87 -2.31 -3.02
N VAL A 90 8.50 -1.18 -2.41
CA VAL A 90 8.49 -1.06 -0.95
C VAL A 90 7.06 -0.76 -0.50
N GLN A 91 6.63 -1.41 0.58
CA GLN A 91 5.42 -0.99 1.28
C GLN A 91 5.79 -0.71 2.73
N VAL A 92 5.27 0.41 3.27
CA VAL A 92 5.47 0.73 4.68
C VAL A 92 4.13 1.16 5.27
N SER A 93 3.75 0.57 6.40
CA SER A 93 2.54 0.98 7.09
C SER A 93 2.89 1.73 8.37
N GLY A 94 2.00 2.61 8.78
CA GLY A 94 2.24 3.39 9.99
C GLY A 94 1.27 4.55 10.09
N LYS A 95 1.71 5.60 10.77
CA LYS A 95 0.87 6.75 11.07
C LYS A 95 1.54 8.03 10.60
N ALA A 96 0.75 8.90 9.99
CA ALA A 96 1.12 10.31 9.76
C ALA A 96 0.42 11.13 10.83
N GLN A 97 1.16 12.03 11.50
CA GLN A 97 0.46 12.68 12.61
C GLN A 97 1.06 14.05 12.94
N THR A 98 0.24 14.84 13.61
CA THR A 98 0.64 16.11 14.19
C THR A 98 0.93 15.88 15.66
N SER A 99 1.04 16.98 16.42
CA SER A 99 1.27 16.82 17.85
C SER A 99 0.12 16.13 18.55
N TRP A 100 -1.10 16.18 18.03
CA TRP A 100 -2.20 15.57 18.76
C TRP A 100 -3.27 14.89 17.91
N PHE A 101 -3.06 14.68 16.61
CA PHE A 101 -3.97 13.83 15.86
C PHE A 101 -3.22 13.24 14.66
N GLY A 102 -3.77 12.16 14.13
CA GLY A 102 -3.11 11.53 13.00
C GLY A 102 -4.02 10.51 12.32
N VAL A 103 -3.42 9.76 11.38
CA VAL A 103 -4.18 8.89 10.48
C VAL A 103 -3.30 7.70 10.13
N ASN A 104 -3.90 6.51 10.01
CA ASN A 104 -3.19 5.34 9.51
C ASN A 104 -3.00 5.42 7.99
N VAL A 105 -1.79 5.08 7.52
CA VAL A 105 -1.52 5.17 6.10
C VAL A 105 -0.64 4.02 5.65
N LEU A 106 -0.54 3.90 4.33
CA LEU A 106 0.41 3.05 3.66
C LEU A 106 1.28 3.94 2.78
N TRP A 107 2.60 3.91 2.99
CA TRP A 107 3.55 4.54 2.06
C TRP A 107 3.98 3.51 1.03
N LEU A 108 3.99 3.89 -0.25
CA LEU A 108 4.44 2.98 -1.29
C LEU A 108 5.62 3.64 -2.01
N PHE A 109 6.66 2.87 -2.29
CA PHE A 109 7.78 3.42 -3.03
C PHE A 109 8.19 2.43 -4.10
N THR A 110 8.68 2.96 -5.22
CA THR A 110 9.46 2.17 -6.16
C THR A 110 10.83 2.82 -6.33
N LEU A 111 11.90 2.02 -6.17
CA LEU A 111 13.28 2.46 -6.30
C LEU A 111 13.90 1.91 -7.58
N ASN A 112 14.80 2.67 -8.20
CA ASN A 112 15.47 2.14 -9.37
C ASN A 112 16.70 1.34 -8.92
N GLN A 113 17.48 0.87 -9.90
CA GLN A 113 18.64 0.04 -9.58
C GLN A 113 19.64 0.77 -8.69
N GLU A 114 19.79 2.09 -8.88
CA GLU A 114 20.67 2.88 -8.03
C GLU A 114 20.03 3.25 -6.68
N LYS A 115 18.82 2.72 -6.40
CA LYS A 115 18.10 2.90 -5.14
C LYS A 115 17.57 4.32 -4.94
N GLN A 116 17.46 5.11 -6.01
CA GLN A 116 16.73 6.38 -5.97
C GLN A 116 15.23 6.14 -6.05
N ILE A 117 14.45 7.06 -5.47
CA ILE A 117 13.00 6.93 -5.59
C ILE A 117 12.52 7.36 -6.97
N ILE A 118 11.88 6.43 -7.70
CA ILE A 118 11.23 6.76 -8.96
C ILE A 118 9.84 7.30 -8.73
N HIS A 119 9.10 6.73 -7.77
CA HIS A 119 7.87 7.38 -7.36
C HIS A 119 7.43 6.89 -6.01
N THR A 120 6.66 7.73 -5.33
CA THR A 120 6.09 7.36 -4.05
C THR A 120 4.65 7.86 -3.98
N GLN A 121 3.85 7.15 -3.21
CA GLN A 121 2.44 7.47 -3.02
C GLN A 121 2.10 7.17 -1.57
N ILE A 122 1.08 7.87 -1.07
CA ILE A 122 0.55 7.62 0.27
C ILE A 122 -0.92 7.27 0.09
N LYS A 123 -1.33 6.16 0.68
CA LYS A 123 -2.70 5.70 0.59
C LYS A 123 -3.31 5.66 1.99
N LEU A 124 -4.55 6.14 2.12
CA LEU A 124 -5.22 6.11 3.42
C LEU A 124 -5.82 4.74 3.74
N LEU A 125 -6.00 4.48 5.04
CA LEU A 125 -6.45 3.22 5.62
C LEU A 125 -7.32 3.53 6.84
N ALA A 126 -8.65 3.50 6.69
CA ALA A 126 -9.48 3.85 7.84
C ALA A 126 -9.41 2.77 8.92
N SER A 127 -9.74 3.17 10.15
CA SER A 127 -9.69 2.26 11.28
C SER A 127 -10.70 1.12 11.10
N PRO A 128 -10.42 -0.06 11.66
CA PRO A 128 -11.15 -1.27 11.26
C PRO A 128 -12.64 -1.23 11.55
N GLN A 129 -13.42 -1.65 10.55
CA GLN A 129 -14.87 -1.83 10.66
C GLN A 129 -15.57 -0.61 11.25
N ILE B 8 -9.35 -26.45 -9.31
CA ILE B 8 -8.25 -25.82 -10.05
C ILE B 8 -7.85 -24.46 -9.44
N GLN B 9 -7.86 -24.39 -8.11
CA GLN B 9 -7.43 -23.19 -7.39
C GLN B 9 -5.95 -23.29 -7.04
N ILE B 10 -5.19 -22.22 -7.31
CA ILE B 10 -3.75 -22.18 -7.11
C ILE B 10 -3.39 -20.96 -6.27
N LYS B 11 -2.60 -21.18 -5.21
CA LYS B 11 -2.23 -20.07 -4.29
C LYS B 11 -1.23 -19.13 -4.98
N SER B 12 -0.95 -17.98 -4.36
CA SER B 12 0.03 -17.02 -4.93
C SER B 12 1.25 -16.94 -4.02
N ILE B 13 1.94 -15.79 -4.02
CA ILE B 13 3.15 -15.60 -3.16
C ILE B 13 3.25 -14.12 -2.79
N ALA B 14 3.36 -13.81 -1.50
CA ALA B 14 3.39 -12.39 -1.05
C ALA B 14 3.77 -12.32 0.43
N GLY B 15 3.67 -11.13 1.03
CA GLY B 15 4.02 -10.95 2.45
C GLY B 15 2.83 -11.17 3.37
N ILE B 16 1.92 -12.09 2.99
CA ILE B 16 0.70 -12.35 3.80
C ILE B 16 0.46 -13.87 3.85
N THR B 17 0.77 -14.51 4.97
CA THR B 17 0.50 -15.94 5.11
C THR B 17 -0.95 -16.25 5.47
N GLU B 18 -1.77 -15.23 5.77
CA GLU B 18 -3.17 -15.36 6.15
C GLU B 18 -3.97 -16.25 5.20
N PRO B 19 -4.50 -17.39 5.67
CA PRO B 19 -5.21 -18.28 4.74
C PRO B 19 -6.39 -17.62 4.04
N THR B 20 -7.18 -16.83 4.76
CA THR B 20 -8.34 -16.17 4.12
C THR B 20 -7.91 -15.29 2.96
N ILE B 21 -6.81 -14.54 3.14
CA ILE B 21 -6.33 -13.67 2.07
C ILE B 21 -5.82 -14.50 0.89
N LEU B 22 -4.98 -15.50 1.17
CA LEU B 22 -4.53 -16.36 0.09
C LEU B 22 -5.71 -16.99 -0.66
N GLN B 23 -6.76 -17.36 0.07
CA GLN B 23 -7.93 -18.03 -0.54
C GLN B 23 -8.74 -17.07 -1.41
N TYR B 24 -8.86 -15.82 -0.97
CA TYR B 24 -9.57 -14.80 -1.75
C TYR B 24 -9.01 -14.75 -3.16
N PHE B 25 -7.69 -14.63 -3.30
CA PHE B 25 -7.13 -14.44 -4.62
C PHE B 25 -7.21 -15.72 -5.44
N ALA B 26 -6.97 -16.86 -4.79
CA ALA B 26 -6.96 -18.12 -5.55
C ALA B 26 -8.35 -18.45 -6.08
N THR B 27 -9.39 -18.22 -5.28
CA THR B 27 -10.74 -18.53 -5.73
C THR B 27 -11.20 -17.55 -6.81
N LEU B 28 -10.84 -16.26 -6.66
CA LEU B 28 -11.09 -15.30 -7.75
C LEU B 28 -10.47 -15.75 -9.05
N ASN B 29 -9.19 -16.14 -9.00
CA ASN B 29 -8.48 -16.49 -10.23
C ASN B 29 -9.04 -17.75 -10.85
N ALA B 30 -9.65 -18.61 -10.05
CA ALA B 30 -10.28 -19.81 -10.58
C ALA B 30 -11.70 -19.58 -11.07
N GLY B 31 -12.22 -18.36 -10.93
CA GLY B 31 -13.62 -18.11 -11.23
C GLY B 31 -14.58 -18.74 -10.26
N GLU B 32 -14.10 -19.13 -9.06
CA GLU B 32 -14.94 -19.79 -8.07
C GLU B 32 -15.55 -18.76 -7.12
N PHE B 33 -16.47 -17.97 -7.69
CA PHE B 33 -16.90 -16.73 -7.04
C PHE B 33 -17.82 -16.99 -5.86
N ALA B 34 -18.53 -18.13 -5.87
CA ALA B 34 -19.30 -18.50 -4.69
C ALA B 34 -18.38 -18.78 -3.51
N ALA B 35 -17.24 -19.42 -3.77
CA ALA B 35 -16.26 -19.68 -2.71
C ALA B 35 -15.57 -18.39 -2.26
N THR B 36 -15.25 -17.49 -3.19
CA THR B 36 -14.78 -16.15 -2.80
C THR B 36 -15.75 -15.48 -1.84
N ALA B 37 -17.03 -15.47 -2.19
CA ALA B 37 -18.02 -14.79 -1.37
C ALA B 37 -18.18 -15.45 -0.02
N ALA B 38 -17.96 -16.77 0.04
CA ALA B 38 -18.16 -17.48 1.30
C ALA B 38 -17.13 -17.09 2.36
N LEU B 39 -16.00 -16.51 1.93
CA LEU B 39 -14.96 -16.02 2.84
C LEU B 39 -15.42 -14.80 3.62
N PHE B 40 -16.51 -14.17 3.22
CA PHE B 40 -17.02 -12.98 3.88
C PHE B 40 -17.92 -13.36 5.05
N ALA B 41 -17.95 -12.48 6.05
CA ALA B 41 -18.95 -12.59 7.10
C ALA B 41 -20.34 -12.36 6.54
N VAL B 42 -21.35 -12.76 7.34
CA VAL B 42 -22.74 -12.64 6.90
C VAL B 42 -23.10 -11.23 6.47
N ASP B 43 -22.49 -10.22 7.10
CA ASP B 43 -22.69 -8.83 6.74
C ASP B 43 -21.39 -8.15 6.27
N GLY B 44 -20.44 -8.93 5.76
CA GLY B 44 -19.24 -8.32 5.20
C GLY B 44 -19.56 -7.60 3.90
N VAL B 45 -18.76 -6.59 3.60
CA VAL B 45 -19.02 -5.66 2.50
C VAL B 45 -17.85 -5.68 1.53
N MET B 46 -18.16 -5.79 0.24
CA MET B 46 -17.15 -5.68 -0.81
C MET B 46 -17.41 -4.38 -1.54
N TYR B 47 -16.38 -3.56 -1.71
CA TYR B 47 -16.48 -2.33 -2.50
C TYR B 47 -15.74 -2.51 -3.82
N PRO B 48 -16.43 -2.73 -4.93
CA PRO B 48 -15.78 -2.67 -6.23
C PRO B 48 -15.32 -1.26 -6.53
N PRO B 49 -14.33 -1.09 -7.42
CA PRO B 49 -13.58 0.18 -7.47
C PRO B 49 -14.38 1.48 -7.50
N PHE B 50 -15.42 1.57 -8.32
CA PHE B 50 -16.17 2.81 -8.41
C PHE B 50 -17.65 2.57 -8.15
N GLU B 51 -17.95 1.64 -7.24
CA GLU B 51 -19.29 1.10 -7.09
C GLU B 51 -19.71 1.14 -5.63
N SER B 52 -21.01 1.00 -5.40
CA SER B 52 -21.54 0.92 -4.06
C SER B 52 -21.12 -0.39 -3.38
N GLY B 53 -21.09 -0.38 -2.06
CA GLY B 53 -20.77 -1.59 -1.33
C GLY B 53 -21.81 -2.67 -1.55
N ILE B 54 -21.33 -3.91 -1.72
CA ILE B 54 -22.18 -5.09 -1.83
C ILE B 54 -21.99 -5.92 -0.57
N VAL B 55 -23.12 -6.20 0.11
CA VAL B 55 -23.14 -6.76 1.45
C VAL B 55 -23.62 -8.20 1.40
N GLY B 56 -22.83 -9.11 1.98
CA GLY B 56 -23.25 -10.49 2.12
C GLY B 56 -22.80 -11.41 1.01
N PRO B 57 -22.48 -12.67 1.37
CA PRO B 57 -21.96 -13.62 0.36
C PRO B 57 -22.88 -13.81 -0.83
N ASP B 58 -24.19 -13.83 -0.63
CA ASP B 58 -25.10 -14.04 -1.75
C ASP B 58 -25.01 -12.90 -2.76
N ALA B 59 -25.04 -11.66 -2.29
CA ALA B 59 -24.99 -10.52 -3.19
C ALA B 59 -23.59 -10.37 -3.79
N ILE B 60 -22.56 -10.70 -3.01
CA ILE B 60 -21.18 -10.59 -3.49
C ILE B 60 -20.90 -11.64 -4.56
N ALA B 61 -21.38 -12.87 -4.36
CA ALA B 61 -21.22 -13.88 -5.40
C ALA B 61 -21.91 -13.46 -6.71
N ALA B 62 -23.13 -12.95 -6.61
CA ALA B 62 -23.85 -12.56 -7.82
C ALA B 62 -23.18 -11.38 -8.53
N TYR B 63 -22.67 -10.40 -7.77
CA TYR B 63 -21.91 -9.31 -8.38
C TYR B 63 -20.69 -9.83 -9.11
N LEU B 64 -19.88 -10.67 -8.46
CA LEU B 64 -18.66 -11.18 -9.08
C LEU B 64 -18.98 -11.97 -10.35
N GLN B 65 -19.99 -12.83 -10.28
CA GLN B 65 -20.40 -13.59 -11.46
C GLN B 65 -20.78 -12.66 -12.61
N GLN B 66 -21.36 -11.50 -12.28
CA GLN B 66 -21.76 -10.56 -13.33
C GLN B 66 -20.61 -9.73 -13.86
N GLU B 67 -19.77 -9.20 -12.96
CA GLU B 67 -18.86 -8.12 -13.32
C GLU B 67 -17.37 -8.48 -13.24
N ALA B 68 -17.01 -9.66 -12.76
CA ALA B 68 -15.61 -9.97 -12.54
C ALA B 68 -15.12 -11.10 -13.43
N GLN B 69 -15.94 -11.55 -14.37
CA GLN B 69 -15.56 -12.61 -15.28
C GLN B 69 -14.34 -12.19 -16.09
N GLY B 70 -13.39 -13.11 -16.23
CA GLY B 70 -12.17 -12.84 -16.97
C GLY B 70 -11.17 -11.96 -16.26
N ILE B 71 -11.40 -11.57 -15.00
CA ILE B 71 -10.47 -10.70 -14.29
C ILE B 71 -9.69 -11.53 -13.29
N LYS B 72 -8.37 -11.39 -13.32
CA LYS B 72 -7.47 -12.13 -12.47
C LYS B 72 -6.78 -11.17 -11.51
N ALA B 73 -6.32 -11.71 -10.40
CA ALA B 73 -5.54 -10.95 -9.42
C ALA B 73 -4.16 -11.57 -9.33
N GLU B 74 -3.13 -10.74 -9.48
CA GLU B 74 -1.74 -11.13 -9.26
C GLU B 74 -1.21 -10.34 -8.08
N PRO B 75 -1.41 -10.84 -6.86
CA PRO B 75 -0.89 -10.13 -5.69
C PRO B 75 0.62 -10.31 -5.65
N GLN B 76 1.33 -9.27 -5.23
CA GLN B 76 2.79 -9.32 -5.17
C GLN B 76 3.32 -9.33 -3.75
N GLN B 77 2.90 -8.37 -2.92
CA GLN B 77 3.44 -8.29 -1.57
C GLN B 77 2.38 -7.64 -0.69
N GLY B 78 2.52 -7.81 0.62
CA GLY B 78 1.50 -7.29 1.51
C GLY B 78 1.99 -7.08 2.93
N LEU B 79 1.17 -6.36 3.70
CA LEU B 79 1.42 -6.11 5.11
C LEU B 79 0.16 -6.36 5.90
N ALA B 80 0.31 -6.71 7.18
CA ALA B 80 -0.84 -6.98 8.02
C ALA B 80 -0.60 -6.46 9.42
N GLU B 81 -1.65 -5.93 10.04
CA GLU B 81 -1.63 -5.47 11.43
C GLU B 81 -2.85 -5.98 12.16
N THR B 82 -2.65 -6.44 13.39
CA THR B 82 -3.74 -6.89 14.25
C THR B 82 -3.91 -5.88 15.38
N SER B 83 -5.12 -5.38 15.54
CA SER B 83 -5.43 -4.44 16.61
C SER B 83 -5.83 -5.20 17.88
N GLU B 84 -6.02 -4.44 18.96
CA GLU B 84 -6.27 -5.07 20.26
C GLU B 84 -7.60 -5.80 20.30
N ASP B 85 -8.61 -5.30 19.57
CA ASP B 85 -9.90 -5.97 19.53
C ASP B 85 -9.89 -7.29 18.75
N GLY B 86 -8.75 -7.68 18.17
CA GLY B 86 -8.68 -8.92 17.42
C GLY B 86 -8.93 -8.80 15.93
N HIS B 87 -9.19 -7.60 15.43
CA HIS B 87 -9.34 -7.42 13.98
C HIS B 87 -7.97 -7.37 13.32
N THR B 88 -7.93 -7.76 12.05
CA THR B 88 -6.70 -7.73 11.28
C THR B 88 -6.90 -6.87 10.04
N GLN B 89 -6.00 -5.93 9.83
CA GLN B 89 -5.97 -5.14 8.60
C GLN B 89 -4.86 -5.64 7.69
N VAL B 90 -5.19 -5.83 6.41
CA VAL B 90 -4.27 -6.36 5.41
C VAL B 90 -4.25 -5.41 4.22
N GLN B 91 -3.06 -5.13 3.71
CA GLN B 91 -2.89 -4.36 2.48
C GLN B 91 -2.03 -5.17 1.53
N VAL B 92 -2.52 -5.39 0.31
CA VAL B 92 -1.79 -6.19 -0.67
C VAL B 92 -1.65 -5.38 -1.94
N SER B 93 -0.43 -5.25 -2.45
CA SER B 93 -0.29 -4.56 -3.73
C SER B 93 -0.06 -5.60 -4.84
N GLY B 94 -0.43 -5.24 -6.07
CA GLY B 94 -0.34 -6.19 -7.18
C GLY B 94 -0.96 -5.61 -8.41
N LYS B 95 -1.48 -6.50 -9.27
CA LYS B 95 -2.18 -6.10 -10.49
C LYS B 95 -3.49 -6.87 -10.63
N ALA B 96 -4.53 -6.18 -11.06
CA ALA B 96 -5.74 -6.81 -11.57
C ALA B 96 -5.58 -6.87 -13.08
N GLN B 97 -5.87 -8.01 -13.67
CA GLN B 97 -5.58 -8.02 -15.11
C GLN B 97 -6.45 -9.04 -15.80
N THR B 98 -6.52 -8.91 -17.13
CA THR B 98 -7.08 -9.93 -18.01
C THR B 98 -5.93 -10.81 -18.52
N SER B 99 -6.20 -11.59 -19.58
CA SER B 99 -5.15 -12.40 -20.19
C SER B 99 -3.95 -11.56 -20.60
N TRP B 100 -4.18 -10.31 -21.04
CA TRP B 100 -3.12 -9.56 -21.67
C TRP B 100 -3.08 -8.06 -21.35
N PHE B 101 -3.89 -7.56 -20.42
CA PHE B 101 -3.69 -6.20 -19.96
C PHE B 101 -4.14 -6.09 -18.50
N GLY B 102 -3.54 -5.15 -17.77
CA GLY B 102 -3.84 -5.02 -16.35
C GLY B 102 -3.63 -3.61 -15.85
N VAL B 103 -3.84 -3.44 -14.52
CA VAL B 103 -3.57 -2.17 -13.83
C VAL B 103 -3.01 -2.47 -12.45
N ASN B 104 -2.13 -1.59 -11.99
CA ASN B 104 -1.58 -1.65 -10.63
C ASN B 104 -2.63 -1.21 -9.61
N VAL B 105 -2.80 -2.03 -8.57
CA VAL B 105 -3.85 -1.79 -7.59
C VAL B 105 -3.35 -2.15 -6.21
N LEU B 106 -4.12 -1.70 -5.24
CA LEU B 106 -3.93 -2.03 -3.83
C LEU B 106 -5.25 -2.59 -3.32
N TRP B 107 -5.22 -3.81 -2.77
CA TRP B 107 -6.39 -4.41 -2.13
C TRP B 107 -6.29 -4.17 -0.62
N LEU B 108 -7.35 -3.66 -0.04
CA LEU B 108 -7.45 -3.47 1.41
C LEU B 108 -8.44 -4.47 1.96
N PHE B 109 -8.10 -5.12 3.06
CA PHE B 109 -9.00 -6.01 3.74
C PHE B 109 -9.05 -5.69 5.22
N THR B 110 -10.22 -5.92 5.80
CA THR B 110 -10.36 -6.03 7.24
C THR B 110 -10.95 -7.39 7.57
N LEU B 111 -10.31 -8.10 8.51
CA LEU B 111 -10.79 -9.40 8.94
C LEU B 111 -11.27 -9.32 10.38
N ASN B 112 -12.32 -10.09 10.67
CA ASN B 112 -12.76 -10.19 12.05
C ASN B 112 -11.92 -11.22 12.79
N GLN B 113 -12.26 -11.42 14.07
CA GLN B 113 -11.49 -12.33 14.91
C GLN B 113 -11.47 -13.75 14.34
N GLU B 114 -12.56 -14.16 13.70
CA GLU B 114 -12.68 -15.47 13.08
C GLU B 114 -12.10 -15.52 11.67
N LYS B 115 -11.38 -14.46 11.28
CA LYS B 115 -10.67 -14.33 10.01
C LYS B 115 -11.62 -14.29 8.80
N GLN B 116 -12.89 -13.97 9.00
CA GLN B 116 -13.77 -13.70 7.87
C GLN B 116 -13.55 -12.29 7.37
N ILE B 117 -13.74 -12.07 6.06
CA ILE B 117 -13.63 -10.72 5.52
C ILE B 117 -14.84 -9.90 5.96
N ILE B 118 -14.56 -8.79 6.65
CA ILE B 118 -15.59 -7.82 7.08
C ILE B 118 -15.73 -6.72 6.04
N HIS B 119 -14.65 -6.42 5.35
CA HIS B 119 -14.57 -5.29 4.44
C HIS B 119 -13.46 -5.53 3.44
N THR B 120 -13.70 -5.17 2.18
CA THR B 120 -12.57 -5.13 1.28
C THR B 120 -12.85 -4.03 0.27
N GLN B 121 -11.78 -3.41 -0.22
CA GLN B 121 -11.91 -2.46 -1.30
C GLN B 121 -10.64 -2.47 -2.14
N ILE B 122 -10.75 -1.89 -3.33
CA ILE B 122 -9.63 -1.76 -4.26
C ILE B 122 -9.34 -0.30 -4.48
N LYS B 123 -8.06 0.04 -4.46
CA LYS B 123 -7.58 1.37 -4.78
C LYS B 123 -6.64 1.30 -5.98
N LEU B 124 -6.87 2.15 -6.97
CA LEU B 124 -5.98 2.23 -8.11
C LEU B 124 -4.72 2.97 -7.72
N LEU B 125 -3.58 2.45 -8.16
CA LEU B 125 -2.30 3.09 -7.93
C LEU B 125 -1.84 3.80 -9.20
N ALA B 126 -0.75 4.56 -9.08
CA ALA B 126 -0.26 5.36 -10.22
C ALA B 126 0.29 4.45 -11.32
N SER B 127 -0.02 4.77 -12.59
CA SER B 127 0.52 4.01 -13.74
C SER B 127 1.47 4.89 -14.57
N PRO B 128 1.33 6.23 -14.64
CA PRO B 128 2.15 7.13 -15.51
C PRO B 128 3.49 7.74 -15.07
N GLN B 129 3.93 8.73 -15.84
CA GLN B 129 5.25 9.34 -15.56
C GLN B 129 5.23 10.71 -16.18
N GLU B 130 4.63 11.69 -15.52
CA GLU B 130 4.57 12.96 -16.27
C GLU B 130 5.78 13.83 -15.97
C1 MLT C . 4.53 11.88 4.26
O1 MLT C . 5.23 10.86 4.14
O2 MLT C . 3.75 11.99 5.23
C2 MLT C . 4.64 12.97 3.23
O3 MLT C . 5.85 12.82 2.50
C3 MLT C . 4.50 14.36 3.84
C4 MLT C . 3.20 14.98 3.39
O4 MLT C . 2.40 15.45 4.23
O5 MLT C . 2.88 15.02 2.18
CAC FLC D . -11.23 4.16 3.82
CA FLC D . -12.62 3.97 4.39
CB FLC D . -13.55 3.11 3.52
CBC FLC D . -14.10 3.90 2.34
CG FLC D . -14.71 2.55 4.36
CGC FLC D . -15.39 3.52 5.28
OA1 FLC D . -10.46 4.94 4.52
OA2 FLC D . -10.87 3.63 2.79
OB1 FLC D . -13.85 5.18 2.42
OB2 FLC D . -14.70 3.39 1.41
OG1 FLC D . -15.78 2.99 6.42
OG2 FLC D . -15.56 4.69 5.01
OHB FLC D . -12.81 2.00 3.02
C1 MLT E . -13.21 -8.03 -6.62
O1 MLT E . -12.18 -8.64 -6.26
O2 MLT E . -13.73 -8.30 -7.72
C2 MLT E . -13.80 -6.98 -5.74
O3 MLT E . -14.76 -6.23 -6.44
C3 MLT E . -12.70 -6.05 -5.29
C4 MLT E . -13.06 -5.21 -4.11
O4 MLT E . -12.17 -4.73 -3.37
O5 MLT E . -14.22 -5.01 -3.82
#